data_7PJQ
#
_entry.id   7PJQ
#
_cell.length_a   39.530
_cell.length_b   103.070
_cell.length_c   42.110
_cell.angle_alpha   90.000
_cell.angle_beta   105.388
_cell.angle_gamma   90.000
#
_symmetry.space_group_name_H-M   'P 1 21 1'
#
loop_
_entity.id
_entity.type
_entity.pdbx_description
1 polymer 'YTH domain-containing protein 1'
2 non-polymer ~{N}-methylpyridine-3-carbothioamide
3 non-polymer 'SULFATE ION'
4 non-polymer DI(HYDROXYETHYL)ETHER
5 water water
#
_entity_poly.entity_id   1
_entity_poly.type   'polypeptide(L)'
_entity_poly.pdbx_seq_one_letter_code
;MHHHHHHSSGRENLYFQGTSKLKYVLQDARFFLIKSNNHENVSLAKAKGVWSTLPVNEKKLNLAFRSARSVILIFSVRES
GKFQGFARLSSESHHGGSPIHWVLPAGMSAKMLGGVFKIDWICRRELPFTKSAHLTNPWNEHKPVKIGRDGQEIELECGT
QLCLLFPPDESIDLYQVIHKMRH
;
_entity_poly.pdbx_strand_id   A,B
#
loop_
_chem_comp.id
_chem_comp.type
_chem_comp.name
_chem_comp.formula
OWH non-polymer ~{N}-methylpyridine-3-carbothioamide 'C7 H8 N2 S'
PEG non-polymer DI(HYDROXYETHYL)ETHER 'C4 H10 O3'
SO4 non-polymer 'SULFATE ION' 'O4 S -2'
#
# COMPACT_ATOMS: atom_id res chain seq x y z
CA GLY A 18 8.57 -14.58 -19.50
C GLY A 18 9.00 -14.12 -18.13
N THR A 19 8.31 -14.59 -17.09
CA THR A 19 8.53 -14.12 -15.72
C THR A 19 9.00 -15.22 -14.79
N SER A 20 9.25 -16.42 -15.30
CA SER A 20 9.48 -17.56 -14.42
C SER A 20 10.84 -17.50 -13.76
N LYS A 21 11.90 -17.18 -14.51
CA LYS A 21 13.20 -17.06 -13.87
C LYS A 21 13.21 -15.90 -12.87
N LEU A 22 12.51 -14.81 -13.19
CA LEU A 22 12.40 -13.70 -12.25
C LEU A 22 11.73 -14.14 -10.97
N LYS A 23 10.61 -14.86 -11.08
CA LYS A 23 9.96 -15.37 -9.87
CA LYS A 23 9.96 -15.36 -9.87
C LYS A 23 10.89 -16.27 -9.07
N TYR A 24 11.72 -17.06 -9.77
CA TYR A 24 12.65 -17.96 -9.08
C TYR A 24 13.68 -17.17 -8.30
N VAL A 25 14.23 -16.12 -8.89
CA VAL A 25 15.22 -15.29 -8.22
C VAL A 25 14.62 -14.62 -7.00
N LEU A 26 13.35 -14.23 -7.08
CA LEU A 26 12.68 -13.49 -6.00
C LEU A 26 12.11 -14.40 -4.92
N GLN A 27 12.10 -15.72 -5.13
CA GLN A 27 11.51 -16.62 -4.16
C GLN A 27 12.24 -16.51 -2.83
N ASP A 28 11.48 -16.23 -1.78
CA ASP A 28 12.03 -16.08 -0.43
C ASP A 28 13.14 -15.02 -0.36
N ALA A 29 13.06 -14.00 -1.21
CA ALA A 29 14.05 -12.93 -1.19
C ALA A 29 13.73 -11.96 -0.06
N ARG A 30 14.70 -11.12 0.26
CA ARG A 30 14.45 -9.91 1.03
C ARG A 30 14.61 -8.69 0.12
N PHE A 31 13.90 -7.64 0.47
CA PHE A 31 13.78 -6.46 -0.37
C PHE A 31 14.02 -5.22 0.46
N PHE A 32 14.80 -4.29 -0.09
CA PHE A 32 15.07 -3.02 0.59
C PHE A 32 14.89 -1.84 -0.37
N LEU A 33 14.20 -0.82 0.11
CA LEU A 33 14.02 0.41 -0.65
C LEU A 33 15.27 1.26 -0.53
N ILE A 34 15.85 1.66 -1.67
CA ILE A 34 16.99 2.55 -1.71
C ILE A 34 16.51 3.87 -2.29
N LYS A 35 16.68 4.96 -1.52
CA LYS A 35 16.22 6.28 -1.94
C LYS A 35 17.46 7.11 -2.29
N SER A 36 17.66 7.37 -3.58
CA SER A 36 18.85 8.08 -4.05
C SER A 36 18.57 9.57 -4.16
N ASN A 37 19.54 10.38 -3.75
CA ASN A 37 19.35 11.83 -3.84
C ASN A 37 19.26 12.32 -5.28
N ASN A 38 19.85 11.61 -6.24
CA ASN A 38 19.84 12.10 -7.61
C ASN A 38 19.93 10.96 -8.60
N HIS A 39 19.72 11.30 -9.87
CA HIS A 39 19.81 10.31 -10.95
C HIS A 39 21.23 9.89 -11.23
N GLU A 40 22.22 10.80 -11.05
CA GLU A 40 23.60 10.45 -11.33
CA GLU A 40 23.62 10.45 -11.32
C GLU A 40 24.04 9.20 -10.57
N ASN A 41 23.67 9.09 -9.30
CA ASN A 41 24.12 7.95 -8.52
C ASN A 41 23.48 6.65 -9.00
N VAL A 42 22.23 6.70 -9.43
CA VAL A 42 21.61 5.50 -9.98
C VAL A 42 22.24 5.14 -11.33
N SER A 43 22.59 6.16 -12.13
CA SER A 43 23.30 5.91 -13.39
C SER A 43 24.64 5.21 -13.13
N LEU A 44 25.40 5.71 -12.16
CA LEU A 44 26.66 5.06 -11.79
C LEU A 44 26.42 3.63 -11.31
N ALA A 45 25.41 3.43 -10.48
CA ALA A 45 25.11 2.09 -9.98
C ALA A 45 24.75 1.15 -11.12
N LYS A 46 24.00 1.65 -12.10
CA LYS A 46 23.61 0.83 -13.23
C LYS A 46 24.81 0.53 -14.13
N ALA A 47 25.71 1.49 -14.29
CA ALA A 47 26.86 1.29 -15.17
C ALA A 47 27.91 0.39 -14.54
N LYS A 48 28.13 0.52 -13.23
CA LYS A 48 29.25 -0.13 -12.58
C LYS A 48 28.84 -1.32 -11.72
N GLY A 49 27.54 -1.53 -11.52
CA GLY A 49 27.10 -2.67 -10.74
C GLY A 49 27.47 -2.58 -9.28
N VAL A 50 27.29 -1.41 -8.67
CA VAL A 50 27.73 -1.17 -7.30
C VAL A 50 26.74 -0.25 -6.60
N TRP A 51 26.69 -0.36 -5.28
CA TRP A 51 26.02 0.62 -4.45
C TRP A 51 26.80 0.76 -3.16
N SER A 52 26.71 1.95 -2.55
CA SER A 52 27.30 2.18 -1.25
C SER A 52 26.30 2.98 -0.45
N THR A 53 26.12 2.61 0.83
CA THR A 53 25.13 3.27 1.68
C THR A 53 25.78 3.63 3.02
N LEU A 54 25.02 4.33 3.86
CA LEU A 54 25.54 4.72 5.17
C LEU A 54 25.71 3.48 6.05
N PRO A 55 26.64 3.52 7.00
CA PRO A 55 26.89 2.34 7.84
C PRO A 55 25.64 1.74 8.50
N VAL A 56 24.67 2.55 8.91
CA VAL A 56 23.48 2.00 9.55
C VAL A 56 22.77 1.03 8.62
N ASN A 57 22.72 1.35 7.34
CA ASN A 57 22.10 0.46 6.37
C ASN A 57 23.05 -0.60 5.85
N GLU A 58 24.35 -0.29 5.78
CA GLU A 58 25.35 -1.28 5.39
C GLU A 58 25.26 -2.51 6.28
N LYS A 59 25.18 -2.28 7.60
CA LYS A 59 25.10 -3.40 8.54
C LYS A 59 23.85 -4.23 8.30
N LYS A 60 22.72 -3.58 8.02
CA LYS A 60 21.48 -4.31 7.76
C LYS A 60 21.58 -5.13 6.48
N LEU A 61 22.16 -4.56 5.43
CA LEU A 61 22.26 -5.27 4.16
C LEU A 61 23.22 -6.45 4.27
N ASN A 62 24.32 -6.28 5.00
CA ASN A 62 25.25 -7.39 5.19
C ASN A 62 24.58 -8.53 5.96
N LEU A 63 23.83 -8.19 7.02
CA LEU A 63 23.05 -9.22 7.73
C LEU A 63 22.09 -9.91 6.78
N ALA A 64 21.40 -9.14 5.96
CA ALA A 64 20.39 -9.72 5.08
C ALA A 64 21.05 -10.61 4.02
N PHE A 65 22.21 -10.20 3.51
CA PHE A 65 22.89 -10.97 2.47
C PHE A 65 23.21 -12.38 2.94
N ARG A 66 23.62 -12.53 4.20
CA ARG A 66 23.93 -13.84 4.74
C ARG A 66 22.68 -14.63 5.10
N SER A 67 21.52 -13.97 5.17
CA SER A 67 20.31 -14.55 5.72
C SER A 67 19.35 -15.10 4.68
N ALA A 68 19.51 -14.71 3.41
CA ALA A 68 18.49 -14.98 2.42
C ALA A 68 19.15 -15.31 1.08
N ARG A 69 18.42 -16.06 0.26
CA ARG A 69 18.98 -16.51 -1.01
C ARG A 69 19.17 -15.37 -1.99
N SER A 70 18.34 -14.32 -1.92
CA SER A 70 18.50 -13.11 -2.71
C SER A 70 18.12 -11.93 -1.83
N VAL A 71 18.91 -10.85 -1.94
CA VAL A 71 18.59 -9.56 -1.35
C VAL A 71 18.45 -8.57 -2.48
N ILE A 72 17.28 -7.94 -2.59
CA ILE A 72 16.94 -7.10 -3.72
C ILE A 72 16.91 -5.66 -3.24
N LEU A 73 17.62 -4.78 -3.95
CA LEU A 73 17.54 -3.33 -3.75
C LEU A 73 16.63 -2.75 -4.83
N ILE A 74 15.61 -2.02 -4.40
CA ILE A 74 14.68 -1.36 -5.31
C ILE A 74 14.94 0.13 -5.20
N PHE A 75 15.35 0.75 -6.31
CA PHE A 75 15.86 2.11 -6.29
C PHE A 75 14.80 3.12 -6.66
N SER A 76 14.79 4.24 -5.95
CA SER A 76 13.94 5.37 -6.32
C SER A 76 14.70 6.67 -6.09
N VAL A 77 14.75 7.50 -7.14
CA VAL A 77 15.35 8.82 -7.03
C VAL A 77 14.36 9.77 -6.37
N ARG A 78 14.81 10.45 -5.32
CA ARG A 78 13.91 11.32 -4.57
C ARG A 78 13.30 12.38 -5.48
N GLU A 79 12.01 12.63 -5.29
CA GLU A 79 11.19 13.57 -6.05
C GLU A 79 10.92 13.16 -7.49
N SER A 80 11.41 11.99 -7.94
CA SER A 80 11.18 11.57 -9.33
C SER A 80 9.79 10.98 -9.55
N GLY A 81 9.10 10.56 -8.49
CA GLY A 81 7.82 9.91 -8.65
C GLY A 81 7.89 8.53 -9.24
N LYS A 82 9.08 7.92 -9.26
CA LYS A 82 9.26 6.62 -9.91
C LYS A 82 10.31 5.82 -9.18
N PHE A 83 10.27 4.51 -9.42
CA PHE A 83 11.40 3.64 -9.18
C PHE A 83 12.19 3.52 -10.48
N GLN A 84 13.51 3.39 -10.36
CA GLN A 84 14.37 3.32 -11.54
C GLN A 84 14.87 1.91 -11.86
N GLY A 85 14.49 0.91 -11.08
CA GLY A 85 14.84 -0.46 -11.35
C GLY A 85 15.17 -1.17 -10.07
N PHE A 86 15.65 -2.41 -10.19
CA PHE A 86 16.02 -3.19 -9.02
C PHE A 86 17.15 -4.16 -9.36
N ALA A 87 17.91 -4.52 -8.34
CA ALA A 87 19.15 -5.26 -8.48
C ALA A 87 19.28 -6.19 -7.30
N ARG A 88 20.11 -7.21 -7.45
CA ARG A 88 20.33 -8.21 -6.41
C ARG A 88 21.77 -8.08 -5.91
N LEU A 89 21.93 -8.03 -4.59
CA LEU A 89 23.28 -8.05 -4.03
C LEU A 89 24.01 -9.31 -4.47
N SER A 90 25.25 -9.15 -4.93
CA SER A 90 26.08 -10.30 -5.22
C SER A 90 27.22 -10.47 -4.23
N SER A 91 27.33 -9.57 -3.25
CA SER A 91 28.42 -9.61 -2.28
C SER A 91 27.99 -8.81 -1.06
N GLU A 92 28.62 -9.10 0.08
CA GLU A 92 28.62 -8.16 1.19
C GLU A 92 29.45 -6.94 0.81
N SER A 93 29.41 -5.91 1.65
CA SER A 93 30.18 -4.72 1.34
C SER A 93 31.67 -4.97 1.52
N HIS A 94 32.48 -4.28 0.73
CA HIS A 94 33.92 -4.34 0.87
C HIS A 94 34.50 -2.95 0.68
N HIS A 95 35.70 -2.76 1.21
CA HIS A 95 36.41 -1.50 1.11
C HIS A 95 37.67 -1.70 0.28
N GLY A 96 38.23 -0.59 -0.17
CA GLY A 96 39.52 -0.62 -0.86
C GLY A 96 39.46 -0.96 -2.32
N GLY A 97 38.28 -1.03 -2.92
CA GLY A 97 38.15 -1.28 -4.34
C GLY A 97 38.30 -0.01 -5.16
N SER A 98 37.88 -0.10 -6.42
CA SER A 98 37.93 1.05 -7.32
C SER A 98 37.06 2.17 -6.78
N PRO A 99 37.59 3.39 -6.67
CA PRO A 99 36.76 4.51 -6.21
C PRO A 99 35.58 4.76 -7.14
N ILE A 100 34.51 5.29 -6.57
CA ILE A 100 33.31 5.65 -7.31
C ILE A 100 33.00 7.11 -7.01
N HIS A 101 32.86 7.91 -8.06
CA HIS A 101 32.66 9.35 -7.91
C HIS A 101 31.16 9.67 -7.76
N TRP A 102 30.60 9.16 -6.67
CA TRP A 102 29.22 9.46 -6.31
C TRP A 102 29.03 10.97 -6.17
N VAL A 103 27.82 11.43 -6.45
CA VAL A 103 27.42 12.82 -6.23
C VAL A 103 26.70 12.84 -4.88
N LEU A 104 27.42 13.16 -3.84
CA LEU A 104 26.94 12.95 -2.49
C LEU A 104 25.98 14.07 -2.07
N PRO A 105 25.07 13.80 -1.13
CA PRO A 105 24.21 14.86 -0.62
C PRO A 105 25.04 16.01 -0.05
N ALA A 106 24.52 17.22 -0.20
CA ALA A 106 25.18 18.40 0.35
C ALA A 106 25.47 18.20 1.82
N GLY A 107 26.73 18.41 2.21
CA GLY A 107 27.17 18.22 3.57
C GLY A 107 27.67 16.83 3.90
N MET A 108 27.74 15.93 2.93
CA MET A 108 28.20 14.57 3.18
C MET A 108 29.48 14.32 2.40
N SER A 109 30.50 13.82 3.09
CA SER A 109 31.78 13.49 2.49
C SER A 109 31.82 11.99 2.16
N ALA A 110 32.72 11.63 1.25
CA ALA A 110 32.85 10.23 0.84
C ALA A 110 33.18 9.33 2.01
N LYS A 111 33.93 9.85 2.99
CA LYS A 111 34.33 9.03 4.14
C LYS A 111 33.15 8.64 5.01
N MET A 112 32.00 9.31 4.87
CA MET A 112 30.83 8.98 5.67
C MET A 112 30.12 7.73 5.17
N LEU A 113 30.38 7.30 3.95
CA LEU A 113 29.78 6.08 3.42
C LEU A 113 30.45 4.84 4.00
N GLY A 114 29.70 3.75 4.04
CA GLY A 114 30.27 2.44 4.29
C GLY A 114 30.95 1.91 3.05
N GLY A 115 31.17 0.60 3.03
CA GLY A 115 31.83 -0.06 1.92
C GLY A 115 30.93 -0.16 0.69
N VAL A 116 31.42 -0.90 -0.30
CA VAL A 116 30.76 -1.00 -1.60
C VAL A 116 30.19 -2.41 -1.75
N PHE A 117 28.90 -2.47 -2.11
CA PHE A 117 28.26 -3.73 -2.45
C PHE A 117 28.29 -3.91 -3.96
N LYS A 118 28.65 -5.11 -4.41
CA LYS A 118 28.43 -5.45 -5.80
C LYS A 118 26.98 -5.88 -5.97
N ILE A 119 26.38 -5.46 -7.09
CA ILE A 119 25.00 -5.78 -7.40
C ILE A 119 24.89 -6.20 -8.85
N ASP A 120 23.93 -7.10 -9.13
CA ASP A 120 23.56 -7.49 -10.48
C ASP A 120 22.18 -6.94 -10.76
N TRP A 121 22.07 -6.13 -11.79
CA TRP A 121 20.78 -5.55 -12.12
C TRP A 121 19.84 -6.63 -12.66
N ILE A 122 18.58 -6.55 -12.23
CA ILE A 122 17.55 -7.47 -12.69
CA ILE A 122 17.54 -7.47 -12.68
C ILE A 122 16.61 -6.72 -13.63
N CYS A 123 16.43 -5.43 -13.38
CA CYS A 123 15.57 -4.60 -14.21
C CYS A 123 16.12 -3.19 -14.15
N ARG A 124 16.45 -2.62 -15.31
CA ARG A 124 16.89 -1.24 -15.41
CA ARG A 124 16.89 -1.23 -15.38
C ARG A 124 15.80 -0.30 -15.90
N ARG A 125 14.57 -0.80 -16.04
CA ARG A 125 13.43 -0.01 -16.48
C ARG A 125 12.77 0.66 -15.29
N GLU A 126 12.10 1.78 -15.56
CA GLU A 126 11.42 2.53 -14.52
CA GLU A 126 11.42 2.53 -14.50
C GLU A 126 10.00 2.01 -14.30
N LEU A 127 9.46 2.35 -13.13
CA LEU A 127 8.06 2.11 -12.78
C LEU A 127 7.53 3.33 -12.06
N PRO A 128 6.50 3.99 -12.57
CA PRO A 128 5.91 5.13 -11.86
CA PRO A 128 5.92 5.14 -11.86
C PRO A 128 5.15 4.68 -10.63
N PHE A 129 5.21 5.53 -9.59
CA PHE A 129 4.51 5.23 -8.34
C PHE A 129 3.01 5.04 -8.55
N THR A 130 2.42 5.68 -9.57
CA THR A 130 1.00 5.47 -9.82
C THR A 130 0.66 4.00 -10.04
N LYS A 131 1.62 3.20 -10.52
CA LYS A 131 1.34 1.78 -10.78
C LYS A 131 1.47 0.91 -9.55
N SER A 132 2.06 1.41 -8.47
CA SER A 132 2.24 0.62 -7.25
C SER A 132 1.31 1.06 -6.12
N ALA A 133 0.28 1.84 -6.45
CA ALA A 133 -0.56 2.45 -5.43
C ALA A 133 -1.39 1.42 -4.68
N HIS A 134 -1.55 0.21 -5.22
CA HIS A 134 -2.29 -0.83 -4.53
C HIS A 134 -1.40 -1.69 -3.62
N LEU A 135 -0.11 -1.39 -3.52
CA LEU A 135 0.82 -2.18 -2.72
C LEU A 135 1.19 -1.40 -1.46
N THR A 136 0.98 -2.02 -0.31
CA THR A 136 1.33 -1.44 0.97
C THR A 136 2.38 -2.32 1.65
N ASN A 137 3.23 -1.68 2.45
CA ASN A 137 4.34 -2.38 3.08
C ASN A 137 4.04 -2.58 4.56
N PRO A 138 3.76 -3.80 5.00
CA PRO A 138 3.53 -4.05 6.44
C PRO A 138 4.66 -3.56 7.33
N TRP A 139 5.89 -3.54 6.85
CA TRP A 139 7.00 -3.14 7.70
C TRP A 139 7.16 -1.63 7.78
N ASN A 140 6.32 -0.89 7.06
CA ASN A 140 6.22 0.56 7.24
C ASN A 140 4.76 0.97 7.44
N GLU A 141 4.11 0.36 8.44
CA GLU A 141 2.77 0.78 8.87
C GLU A 141 1.73 0.63 7.76
N HIS A 142 1.98 -0.28 6.82
CA HIS A 142 1.08 -0.50 5.68
C HIS A 142 0.89 0.76 4.83
N LYS A 143 1.87 1.66 4.88
CA LYS A 143 1.89 2.77 3.97
C LYS A 143 2.21 2.28 2.55
N PRO A 144 1.79 3.03 1.52
CA PRO A 144 2.14 2.64 0.15
CA PRO A 144 2.15 2.65 0.15
C PRO A 144 3.64 2.42 0.04
N VAL A 145 4.00 1.40 -0.74
CA VAL A 145 5.39 0.94 -0.77
C VAL A 145 6.36 2.02 -1.24
N LYS A 146 5.89 2.96 -2.07
CA LYS A 146 6.75 4.09 -2.48
C LYS A 146 7.23 4.90 -1.28
N ILE A 147 6.51 4.85 -0.16
CA ILE A 147 6.85 5.63 1.03
C ILE A 147 7.81 4.83 1.89
N GLY A 148 8.95 5.42 2.22
CA GLY A 148 9.88 4.75 3.10
C GLY A 148 11.20 5.47 3.12
N ARG A 149 11.89 5.45 4.25
CA ARG A 149 13.22 6.00 4.31
C ARG A 149 14.19 5.11 3.53
N ASP A 150 15.32 5.69 3.16
CA ASP A 150 16.41 4.93 2.55
C ASP A 150 16.75 3.75 3.43
N GLY A 151 16.71 2.54 2.86
CA GLY A 151 16.98 1.34 3.62
C GLY A 151 15.78 0.64 4.19
N GLN A 152 14.58 1.20 4.05
CA GLN A 152 13.36 0.57 4.59
C GLN A 152 13.20 -0.84 4.00
N GLU A 153 13.07 -1.85 4.86
CA GLU A 153 12.81 -3.18 4.34
C GLU A 153 11.37 -3.28 3.86
N ILE A 154 11.18 -3.98 2.75
CA ILE A 154 9.86 -4.24 2.18
C ILE A 154 9.53 -5.71 2.39
N GLU A 155 8.40 -5.96 3.04
CA GLU A 155 7.94 -7.31 3.32
C GLU A 155 7.84 -8.14 2.03
N LEU A 156 8.04 -9.46 2.17
CA LEU A 156 8.20 -10.38 1.05
C LEU A 156 7.12 -10.25 -0.03
N GLU A 157 5.85 -10.33 0.36
CA GLU A 157 4.78 -10.32 -0.63
CA GLU A 157 4.77 -10.32 -0.62
C GLU A 157 4.71 -8.98 -1.36
N CYS A 158 4.77 -7.89 -0.61
CA CYS A 158 4.76 -6.56 -1.21
C CYS A 158 5.95 -6.39 -2.15
N GLY A 159 7.14 -6.77 -1.70
CA GLY A 159 8.31 -6.61 -2.53
C GLY A 159 8.27 -7.44 -3.79
N THR A 160 7.77 -8.68 -3.68
CA THR A 160 7.64 -9.53 -4.86
C THR A 160 6.67 -8.92 -5.85
N GLN A 161 5.50 -8.49 -5.37
CA GLN A 161 4.53 -7.90 -6.29
C GLN A 161 5.06 -6.61 -6.90
N LEU A 162 5.79 -5.81 -6.13
CA LEU A 162 6.37 -4.59 -6.67
C LEU A 162 7.32 -4.92 -7.80
N CYS A 163 8.22 -5.87 -7.59
CA CYS A 163 9.16 -6.22 -8.64
C CYS A 163 8.46 -6.76 -9.88
N LEU A 164 7.38 -7.51 -9.71
CA LEU A 164 6.65 -8.05 -10.85
C LEU A 164 5.90 -6.97 -11.63
N LEU A 165 5.69 -5.79 -11.04
CA LEU A 165 5.02 -4.71 -11.76
C LEU A 165 5.93 -4.05 -12.78
N PHE A 166 7.25 -4.12 -12.59
CA PHE A 166 8.15 -3.42 -13.50
C PHE A 166 7.99 -3.99 -14.92
N PRO A 167 8.12 -3.15 -15.94
CA PRO A 167 8.17 -3.65 -17.30
C PRO A 167 9.29 -4.67 -17.42
N PRO A 168 9.06 -5.73 -18.18
CA PRO A 168 10.16 -6.69 -18.41
C PRO A 168 11.36 -6.00 -19.06
N ASP A 169 12.55 -6.38 -18.59
CA ASP A 169 13.81 -5.84 -19.14
C ASP A 169 14.44 -6.94 -19.99
N GLU A 170 14.18 -6.89 -21.29
CA GLU A 170 14.62 -7.96 -22.19
C GLU A 170 16.12 -7.94 -22.44
N SER A 171 16.85 -6.95 -21.92
CA SER A 171 18.30 -6.95 -22.04
C SER A 171 18.97 -7.84 -20.99
N ILE A 172 18.22 -8.34 -20.03
CA ILE A 172 18.71 -9.06 -18.86
C ILE A 172 18.55 -10.56 -19.09
N ASP A 173 19.57 -11.34 -18.74
CA ASP A 173 19.48 -12.80 -18.72
C ASP A 173 19.72 -13.25 -17.29
N LEU A 174 18.69 -13.77 -16.62
CA LEU A 174 18.83 -14.17 -15.22
C LEU A 174 19.53 -15.51 -15.01
N TYR A 175 19.94 -16.18 -16.09
CA TYR A 175 20.68 -17.44 -15.96
C TYR A 175 21.89 -17.30 -15.05
N GLN A 176 22.70 -16.25 -15.25
CA GLN A 176 23.94 -16.11 -14.48
C GLN A 176 23.65 -15.72 -13.03
N VAL A 177 22.58 -14.94 -12.81
CA VAL A 177 22.15 -14.63 -11.45
C VAL A 177 21.70 -15.88 -10.70
N ILE A 178 20.93 -16.74 -11.37
CA ILE A 178 20.46 -17.96 -10.72
C ILE A 178 21.65 -18.80 -10.23
N HIS A 179 22.71 -18.86 -11.02
CA HIS A 179 23.86 -19.67 -10.64
C HIS A 179 24.58 -19.12 -9.42
N LYS A 180 24.45 -17.82 -9.16
CA LYS A 180 25.08 -17.23 -7.99
C LYS A 180 24.33 -17.53 -6.70
N MET A 181 23.06 -17.96 -6.79
CA MET A 181 22.26 -18.19 -5.59
C MET A 181 22.80 -19.42 -4.88
N ARG A 182 23.02 -19.28 -3.59
CA ARG A 182 23.77 -20.27 -2.82
C ARG A 182 23.67 -19.99 -1.32
N GLY B 18 -19.64 16.41 -12.31
CA GLY B 18 -21.01 16.36 -11.85
C GLY B 18 -21.24 15.17 -10.94
N THR B 19 -22.43 15.12 -10.34
CA THR B 19 -22.74 14.12 -9.32
C THR B 19 -23.72 13.05 -9.78
N SER B 20 -24.07 13.01 -11.08
CA SER B 20 -25.06 12.05 -11.54
C SER B 20 -24.65 10.61 -11.29
N LYS B 21 -23.39 10.29 -11.57
CA LYS B 21 -22.93 8.91 -11.38
C LYS B 21 -23.02 8.49 -9.93
N LEU B 22 -22.51 9.32 -9.03
CA LEU B 22 -22.52 8.95 -7.62
C LEU B 22 -23.96 8.88 -7.09
N LYS B 23 -24.82 9.80 -7.51
CA LYS B 23 -26.21 9.75 -7.07
C LYS B 23 -26.88 8.47 -7.54
N TYR B 24 -26.53 8.02 -8.74
CA TYR B 24 -27.07 6.77 -9.25
C TYR B 24 -26.62 5.61 -8.38
N VAL B 25 -25.32 5.57 -8.03
CA VAL B 25 -24.81 4.51 -7.16
C VAL B 25 -25.53 4.51 -5.81
N LEU B 26 -25.92 5.69 -5.32
CA LEU B 26 -26.47 5.81 -3.98
C LEU B 26 -28.00 5.77 -3.95
N GLN B 27 -28.68 5.64 -5.09
CA GLN B 27 -30.12 5.86 -5.15
C GLN B 27 -30.90 4.93 -4.21
N ASP B 28 -30.47 3.67 -4.10
CA ASP B 28 -31.08 2.71 -3.18
C ASP B 28 -29.93 2.13 -2.39
N ALA B 29 -29.47 2.88 -1.40
CA ALA B 29 -28.30 2.48 -0.65
C ALA B 29 -28.60 2.41 0.83
N ARG B 30 -27.87 1.55 1.52
CA ARG B 30 -27.75 1.59 2.96
C ARG B 30 -26.33 2.01 3.29
N PHE B 31 -26.16 2.67 4.43
CA PHE B 31 -24.91 3.29 4.84
C PHE B 31 -24.58 2.89 6.25
N PHE B 32 -23.31 2.55 6.48
CA PHE B 32 -22.83 2.17 7.80
C PHE B 32 -21.54 2.89 8.12
N LEU B 33 -21.47 3.46 9.32
CA LEU B 33 -20.23 4.02 9.82
C LEU B 33 -19.32 2.87 10.23
N ILE B 34 -18.05 2.95 9.84
CA ILE B 34 -17.04 1.97 10.23
C ILE B 34 -15.95 2.72 10.98
N LYS B 35 -15.71 2.31 12.21
CA LYS B 35 -14.70 2.92 13.07
C LYS B 35 -13.49 2.02 13.14
N SER B 36 -12.33 2.57 12.84
CA SER B 36 -11.08 1.83 12.89
C SER B 36 -10.22 2.38 14.02
N ASN B 37 -9.55 1.47 14.75
CA ASN B 37 -8.70 1.92 15.83
C ASN B 37 -7.46 2.64 15.32
N ASN B 38 -6.99 2.33 14.11
CA ASN B 38 -5.77 2.96 13.62
C ASN B 38 -5.83 3.25 12.13
N HIS B 39 -4.84 3.98 11.65
CA HIS B 39 -4.75 4.26 10.23
C HIS B 39 -4.21 3.09 9.42
N GLU B 40 -3.44 2.20 10.07
CA GLU B 40 -2.78 1.11 9.33
CA GLU B 40 -2.79 1.11 9.34
C GLU B 40 -3.81 0.22 8.63
N ASN B 41 -4.85 -0.21 9.35
CA ASN B 41 -5.82 -1.10 8.75
C ASN B 41 -6.65 -0.41 7.69
N VAL B 42 -6.86 0.90 7.82
CA VAL B 42 -7.55 1.65 6.77
C VAL B 42 -6.67 1.72 5.53
N SER B 43 -5.36 1.94 5.71
CA SER B 43 -4.46 1.95 4.56
CA SER B 43 -4.46 1.95 4.56
C SER B 43 -4.47 0.60 3.84
N LEU B 44 -4.43 -0.48 4.60
CA LEU B 44 -4.51 -1.81 4.00
CA LEU B 44 -4.51 -1.82 4.00
C LEU B 44 -5.82 -2.00 3.27
N ALA B 45 -6.93 -1.61 3.91
CA ALA B 45 -8.25 -1.79 3.32
C ALA B 45 -8.40 -0.98 2.05
N LYS B 46 -7.82 0.21 2.03
CA LYS B 46 -7.90 1.09 0.87
C LYS B 46 -7.16 0.51 -0.31
N ALA B 47 -6.00 -0.12 -0.08
CA ALA B 47 -5.20 -0.60 -1.19
C ALA B 47 -5.72 -1.93 -1.72
N LYS B 48 -6.18 -2.80 -0.82
CA LYS B 48 -6.58 -4.16 -1.18
CA LYS B 48 -6.58 -4.16 -1.17
C LYS B 48 -8.07 -4.31 -1.42
N GLY B 49 -8.89 -3.35 -0.99
CA GLY B 49 -10.31 -3.45 -1.27
C GLY B 49 -11.01 -4.50 -0.41
N VAL B 50 -10.72 -4.50 0.89
CA VAL B 50 -11.25 -5.50 1.81
C VAL B 50 -11.55 -4.86 3.14
N TRP B 51 -12.50 -5.45 3.85
CA TRP B 51 -12.74 -5.11 5.25
C TRP B 51 -13.24 -6.34 5.98
N SER B 52 -12.98 -6.38 7.29
CA SER B 52 -13.53 -7.40 8.16
CA SER B 52 -13.50 -7.42 8.17
C SER B 52 -13.96 -6.74 9.46
N THR B 53 -15.06 -7.23 10.03
CA THR B 53 -15.61 -6.62 11.23
C THR B 53 -16.05 -7.71 12.19
N LEU B 54 -16.51 -7.30 13.37
CA LEU B 54 -16.94 -8.27 14.37
C LEU B 54 -18.30 -8.87 13.98
N PRO B 55 -18.65 -10.01 14.58
CA PRO B 55 -19.84 -10.75 14.10
C PRO B 55 -21.12 -9.96 14.07
N VAL B 56 -21.39 -9.12 15.08
CA VAL B 56 -22.66 -8.39 15.07
C VAL B 56 -22.77 -7.53 13.82
N ASN B 57 -21.68 -6.85 13.46
CA ASN B 57 -21.73 -6.01 12.28
C ASN B 57 -21.61 -6.81 10.99
N GLU B 58 -20.88 -7.93 11.03
CA GLU B 58 -20.80 -8.76 9.83
C GLU B 58 -22.19 -9.24 9.41
N LYS B 59 -23.00 -9.68 10.37
CA LYS B 59 -24.35 -10.13 10.07
C LYS B 59 -25.21 -9.00 9.54
N LYS B 60 -25.10 -7.82 10.15
CA LYS B 60 -25.84 -6.66 9.67
C LYS B 60 -25.47 -6.34 8.21
N LEU B 61 -24.17 -6.36 7.90
CA LEU B 61 -23.74 -6.00 6.56
C LEU B 61 -24.17 -7.05 5.53
N ASN B 62 -24.15 -8.33 5.90
CA ASN B 62 -24.60 -9.35 4.96
C ASN B 62 -26.08 -9.22 4.66
N LEU B 63 -26.90 -8.99 5.70
CA LEU B 63 -28.31 -8.72 5.47
C LEU B 63 -28.48 -7.47 4.60
N ALA B 64 -27.71 -6.43 4.87
CA ALA B 64 -27.85 -5.20 4.10
C ALA B 64 -27.52 -5.44 2.64
N PHE B 65 -26.48 -6.24 2.39
CA PHE B 65 -26.04 -6.50 1.02
C PHE B 65 -27.17 -7.07 0.16
N ARG B 66 -28.05 -7.88 0.75
CA ARG B 66 -29.14 -8.48 0.00
C ARG B 66 -30.39 -7.62 -0.03
N SER B 67 -30.44 -6.53 0.72
CA SER B 67 -31.65 -5.74 0.84
C SER B 67 -31.58 -4.41 0.11
N ALA B 68 -30.41 -4.03 -0.42
CA ALA B 68 -30.24 -2.73 -1.03
C ALA B 68 -29.32 -2.87 -2.23
N ARG B 69 -29.54 -2.03 -3.23
CA ARG B 69 -28.71 -2.06 -4.44
C ARG B 69 -27.25 -1.75 -4.13
N SER B 70 -26.99 -0.90 -3.12
CA SER B 70 -25.63 -0.57 -2.72
C SER B 70 -25.56 -0.51 -1.20
N VAL B 71 -24.48 -1.05 -0.65
CA VAL B 71 -24.19 -0.90 0.77
C VAL B 71 -22.87 -0.16 0.90
N ILE B 72 -22.91 0.97 1.59
CA ILE B 72 -21.80 1.90 1.67
C ILE B 72 -21.22 1.86 3.07
N LEU B 73 -19.91 1.72 3.15
CA LEU B 73 -19.17 1.82 4.40
C LEU B 73 -18.47 3.16 4.42
N ILE B 74 -18.67 3.94 5.46
CA ILE B 74 -18.04 5.25 5.59
C ILE B 74 -17.07 5.17 6.76
N PHE B 75 -15.78 5.31 6.47
CA PHE B 75 -14.75 5.00 7.46
C PHE B 75 -14.32 6.21 8.26
N SER B 76 -14.10 5.99 9.55
CA SER B 76 -13.53 7.02 10.43
C SER B 76 -12.59 6.38 11.43
N VAL B 77 -11.34 6.82 11.41
CA VAL B 77 -10.36 6.37 12.40
C VAL B 77 -10.64 7.05 13.74
N ARG B 78 -10.71 6.27 14.80
CA ARG B 78 -11.03 6.81 16.12
CA ARG B 78 -11.04 6.82 16.11
C ARG B 78 -10.07 7.94 16.48
N GLU B 79 -10.62 9.01 17.04
CA GLU B 79 -9.90 10.19 17.51
CA GLU B 79 -9.89 10.19 17.51
C GLU B 79 -9.26 11.02 16.40
N SER B 80 -9.54 10.70 15.12
CA SER B 80 -8.91 11.44 14.03
C SER B 80 -9.62 12.74 13.66
N GLY B 81 -10.87 12.92 14.08
CA GLY B 81 -11.61 14.10 13.68
C GLY B 81 -12.05 14.12 12.24
N LYS B 82 -11.95 13.01 11.53
CA LYS B 82 -12.25 12.98 10.11
C LYS B 82 -12.84 11.63 9.73
N PHE B 83 -13.50 11.63 8.57
CA PHE B 83 -13.74 10.42 7.81
C PHE B 83 -12.60 10.27 6.81
N GLN B 84 -12.20 9.03 6.53
CA GLN B 84 -11.09 8.76 5.63
C GLN B 84 -11.52 8.29 4.25
N GLY B 85 -12.81 8.13 4.01
CA GLY B 85 -13.31 7.73 2.71
C GLY B 85 -14.54 6.86 2.86
N PHE B 86 -15.03 6.40 1.71
CA PHE B 86 -16.16 5.49 1.71
C PHE B 86 -16.09 4.53 0.54
N ALA B 87 -16.72 3.37 0.73
CA ALA B 87 -16.59 2.25 -0.19
C ALA B 87 -17.91 1.51 -0.26
N ARG B 88 -18.08 0.74 -1.32
CA ARG B 88 -19.30 -0.02 -1.57
C ARG B 88 -18.98 -1.51 -1.49
N LEU B 89 -19.78 -2.27 -0.73
CA LEU B 89 -19.60 -3.72 -0.72
C LEU B 89 -19.81 -4.30 -2.12
N SER B 90 -18.88 -5.14 -2.55
CA SER B 90 -19.11 -5.90 -3.77
C SER B 90 -19.43 -7.36 -3.47
N SER B 91 -19.40 -7.77 -2.22
CA SER B 91 -19.74 -9.14 -1.86
C SER B 91 -20.24 -9.13 -0.44
N GLU B 92 -20.95 -10.21 -0.09
CA GLU B 92 -21.11 -10.59 1.31
C GLU B 92 -19.75 -11.04 1.85
N SER B 93 -19.68 -11.21 3.16
CA SER B 93 -18.42 -11.67 3.73
C SER B 93 -18.16 -13.11 3.30
N HIS B 94 -16.88 -13.47 3.18
CA HIS B 94 -16.50 -14.82 2.82
C HIS B 94 -15.27 -15.25 3.61
N HIS B 95 -15.23 -16.53 3.95
CA HIS B 95 -14.20 -17.13 4.78
C HIS B 95 -13.27 -17.99 3.93
N GLY B 96 -12.08 -18.23 4.46
CA GLY B 96 -11.14 -19.16 3.87
C GLY B 96 -10.40 -18.64 2.65
N GLY B 97 -10.70 -17.44 2.18
CA GLY B 97 -10.00 -16.89 1.03
C GLY B 97 -8.58 -16.48 1.38
N SER B 98 -7.98 -15.62 0.54
CA SER B 98 -6.66 -15.10 0.83
C SER B 98 -6.67 -14.41 2.18
N PRO B 99 -5.86 -14.84 3.15
CA PRO B 99 -5.90 -14.23 4.48
C PRO B 99 -5.40 -12.80 4.44
N ILE B 100 -6.20 -11.88 4.96
CA ILE B 100 -5.78 -10.49 5.10
C ILE B 100 -5.04 -10.34 6.42
N HIS B 101 -3.83 -9.79 6.37
CA HIS B 101 -2.97 -9.73 7.55
C HIS B 101 -3.13 -8.38 8.27
N TRP B 102 -4.31 -8.20 8.86
CA TRP B 102 -4.57 -6.99 9.62
C TRP B 102 -3.60 -6.85 10.78
N VAL B 103 -3.43 -5.61 11.24
CA VAL B 103 -2.83 -5.36 12.54
C VAL B 103 -3.96 -5.58 13.55
N LEU B 104 -3.99 -6.76 14.14
CA LEU B 104 -5.11 -7.14 14.99
C LEU B 104 -5.06 -6.36 16.30
N PRO B 105 -6.16 -5.80 16.76
CA PRO B 105 -6.17 -5.13 18.07
C PRO B 105 -5.83 -6.12 19.19
N ALA B 106 -5.38 -5.56 20.31
CA ALA B 106 -4.95 -6.38 21.42
C ALA B 106 -6.05 -7.33 21.87
N GLY B 107 -5.70 -8.61 22.02
CA GLY B 107 -6.64 -9.62 22.44
C GLY B 107 -7.52 -10.17 21.34
N MET B 108 -7.48 -9.61 20.13
CA MET B 108 -8.35 -10.05 19.05
C MET B 108 -7.61 -11.03 18.16
N SER B 109 -8.28 -12.14 17.85
CA SER B 109 -7.73 -13.15 16.95
C SER B 109 -8.35 -13.00 15.57
N ALA B 110 -7.71 -13.63 14.58
CA ALA B 110 -8.19 -13.52 13.21
C ALA B 110 -9.59 -14.11 13.07
N LYS B 111 -9.88 -15.19 13.78
CA LYS B 111 -11.19 -15.82 13.68
C LYS B 111 -12.29 -14.90 14.21
N MET B 112 -11.97 -14.05 15.19
CA MET B 112 -12.98 -13.18 15.79
C MET B 112 -13.52 -12.17 14.79
N LEU B 113 -12.81 -11.94 13.69
CA LEU B 113 -13.21 -11.00 12.66
C LEU B 113 -13.99 -11.66 11.53
N GLY B 114 -14.17 -12.99 11.59
CA GLY B 114 -15.06 -13.65 10.64
C GLY B 114 -14.60 -13.50 9.19
N GLY B 115 -15.56 -13.19 8.33
CA GLY B 115 -15.29 -13.18 6.91
C GLY B 115 -14.75 -11.86 6.39
N VAL B 116 -14.27 -11.91 5.16
CA VAL B 116 -13.74 -10.74 4.47
C VAL B 116 -14.81 -10.26 3.51
N PHE B 117 -15.13 -8.97 3.58
CA PHE B 117 -15.96 -8.31 2.59
C PHE B 117 -15.05 -7.72 1.53
N LYS B 118 -15.37 -7.98 0.26
CA LYS B 118 -14.74 -7.24 -0.83
C LYS B 118 -15.47 -5.91 -0.97
N ILE B 119 -14.69 -4.83 -1.08
CA ILE B 119 -15.24 -3.47 -1.20
C ILE B 119 -14.54 -2.75 -2.33
N ASP B 120 -15.30 -1.92 -3.03
CA ASP B 120 -14.77 -1.01 -4.03
C ASP B 120 -14.83 0.40 -3.45
N TRP B 121 -13.67 1.02 -3.29
CA TRP B 121 -13.65 2.38 -2.79
C TRP B 121 -14.23 3.36 -3.80
N ILE B 122 -15.02 4.29 -3.28
CA ILE B 122 -15.60 5.35 -4.08
C ILE B 122 -14.85 6.65 -3.84
N CYS B 123 -14.37 6.85 -2.61
CA CYS B 123 -13.53 8.00 -2.33
C CYS B 123 -12.56 7.58 -1.24
N ARG B 124 -11.27 7.83 -1.45
CA ARG B 124 -10.26 7.56 -0.46
C ARG B 124 -9.68 8.82 0.14
N ARG B 125 -10.32 9.96 -0.09
CA ARG B 125 -9.87 11.24 0.45
C ARG B 125 -10.63 11.55 1.74
N GLU B 126 -9.99 12.35 2.58
CA GLU B 126 -10.54 12.68 3.88
C GLU B 126 -11.64 13.74 3.79
N LEU B 127 -12.56 13.66 4.74
CA LEU B 127 -13.57 14.68 4.97
C LEU B 127 -13.52 15.02 6.45
N PRO B 128 -13.08 16.20 6.84
CA PRO B 128 -13.06 16.55 8.26
CA PRO B 128 -13.06 16.54 8.25
C PRO B 128 -14.47 16.69 8.80
N PHE B 129 -14.63 16.34 10.08
CA PHE B 129 -15.93 16.47 10.73
C PHE B 129 -16.44 17.92 10.67
N THR B 130 -15.54 18.90 10.54
CA THR B 130 -15.94 20.28 10.40
C THR B 130 -16.71 20.56 9.10
N LYS B 131 -16.73 19.63 8.16
CA LYS B 131 -17.53 19.79 6.95
C LYS B 131 -18.86 19.05 7.00
N SER B 132 -19.10 18.24 8.03
CA SER B 132 -20.34 17.48 8.15
C SER B 132 -21.16 17.91 9.36
N ALA B 133 -20.83 19.05 9.96
CA ALA B 133 -21.43 19.47 11.21
C ALA B 133 -22.92 19.78 11.11
N HIS B 134 -23.41 20.04 9.90
CA HIS B 134 -24.81 20.34 9.67
C HIS B 134 -25.66 19.08 9.46
N LEU B 135 -25.05 17.90 9.39
CA LEU B 135 -25.78 16.67 9.08
C LEU B 135 -26.00 15.88 10.36
N THR B 136 -27.25 15.53 10.62
CA THR B 136 -27.62 14.70 11.75
C THR B 136 -28.30 13.43 11.24
N ASN B 137 -28.11 12.33 11.97
CA ASN B 137 -28.62 11.04 11.53
C ASN B 137 -29.90 10.74 12.27
N PRO B 138 -31.06 10.68 11.61
CA PRO B 138 -32.31 10.37 12.33
CA PRO B 138 -32.31 10.37 12.35
C PRO B 138 -32.29 9.02 13.02
N TRP B 139 -31.49 8.08 12.53
CA TRP B 139 -31.43 6.75 13.10
C TRP B 139 -30.44 6.63 14.24
N ASN B 140 -29.85 7.75 14.66
CA ASN B 140 -29.06 7.84 15.89
C ASN B 140 -29.48 9.05 16.69
N GLU B 141 -30.79 9.18 16.94
CA GLU B 141 -31.35 10.23 17.81
C GLU B 141 -31.08 11.62 17.28
N HIS B 142 -30.91 11.76 15.97
CA HIS B 142 -30.66 13.05 15.33
C HIS B 142 -29.40 13.71 15.86
N LYS B 143 -28.41 12.88 16.23
CA LYS B 143 -27.10 13.38 16.60
C LYS B 143 -26.27 13.64 15.33
N PRO B 144 -25.30 14.56 15.40
CA PRO B 144 -24.41 14.76 14.25
C PRO B 144 -23.85 13.44 13.73
N VAL B 145 -23.76 13.32 12.41
CA VAL B 145 -23.44 12.06 11.77
C VAL B 145 -22.05 11.56 12.12
N LYS B 146 -21.16 12.44 12.58
CA LYS B 146 -19.84 12.00 13.06
C LYS B 146 -19.95 11.09 14.28
N ILE B 147 -21.06 11.16 15.02
CA ILE B 147 -21.22 10.41 16.25
C ILE B 147 -21.83 9.06 15.94
N GLY B 148 -21.16 8.00 16.36
CA GLY B 148 -21.76 6.68 16.28
C GLY B 148 -20.77 5.59 16.63
N ARG B 149 -21.30 4.44 17.03
CA ARG B 149 -20.49 3.26 17.27
C ARG B 149 -20.09 2.63 15.93
N ASP B 150 -19.03 1.82 15.96
CA ASP B 150 -18.69 1.00 14.80
C ASP B 150 -19.93 0.24 14.33
N GLY B 151 -20.27 0.38 13.06
CA GLY B 151 -21.43 -0.25 12.49
C GLY B 151 -22.72 0.55 12.51
N GLN B 152 -22.72 1.76 13.09
CA GLN B 152 -23.93 2.56 13.18
C GLN B 152 -24.54 2.76 11.80
N GLU B 153 -25.81 2.43 11.64
CA GLU B 153 -26.45 2.63 10.35
C GLU B 153 -26.89 4.08 10.20
N ILE B 154 -26.67 4.63 9.01
CA ILE B 154 -27.00 6.01 8.72
C ILE B 154 -28.15 6.02 7.74
N GLU B 155 -29.19 6.80 8.07
CA GLU B 155 -30.39 6.88 7.24
C GLU B 155 -30.05 7.38 5.83
N LEU B 156 -30.86 6.96 4.86
CA LEU B 156 -30.60 7.16 3.43
C LEU B 156 -30.20 8.60 3.06
N GLU B 157 -31.05 9.58 3.39
CA GLU B 157 -30.75 10.94 2.92
C GLU B 157 -29.53 11.51 3.63
N CYS B 158 -29.39 11.26 4.93
CA CYS B 158 -28.21 11.70 5.65
C CYS B 158 -26.96 11.09 5.05
N GLY B 159 -26.98 9.78 4.81
CA GLY B 159 -25.81 9.10 4.27
C GLY B 159 -25.48 9.60 2.88
N THR B 160 -26.50 9.84 2.07
CA THR B 160 -26.28 10.36 0.72
C THR B 160 -25.62 11.73 0.77
N GLN B 161 -26.15 12.63 1.58
CA GLN B 161 -25.56 13.96 1.69
C GLN B 161 -24.15 13.90 2.24
N LEU B 162 -23.91 13.01 3.20
CA LEU B 162 -22.55 12.86 3.73
C LEU B 162 -21.58 12.45 2.62
N CYS B 163 -21.97 11.45 1.82
CA CYS B 163 -21.08 10.98 0.75
C CYS B 163 -20.85 12.07 -0.28
N LEU B 164 -21.88 12.90 -0.56
CA LEU B 164 -21.73 13.96 -1.53
C LEU B 164 -20.78 15.06 -1.06
N LEU B 165 -20.50 15.13 0.24
CA LEU B 165 -19.58 16.15 0.73
C LEU B 165 -18.13 15.85 0.40
N PHE B 166 -17.79 14.59 0.18
CA PHE B 166 -16.39 14.24 -0.03
C PHE B 166 -15.90 14.84 -1.35
N PRO B 167 -14.62 15.17 -1.44
CA PRO B 167 -14.08 15.73 -2.69
C PRO B 167 -13.93 14.64 -3.74
N PRO B 168 -13.83 15.01 -5.02
CA PRO B 168 -13.63 14.00 -6.05
C PRO B 168 -12.26 13.35 -5.95
N ASP B 169 -12.23 12.04 -6.17
CA ASP B 169 -11.01 11.26 -6.03
C ASP B 169 -10.52 10.85 -7.42
N GLU B 170 -9.39 11.44 -7.83
CA GLU B 170 -8.82 11.23 -9.16
C GLU B 170 -8.29 9.82 -9.36
N SER B 171 -8.12 9.07 -8.28
CA SER B 171 -7.65 7.70 -8.38
C SER B 171 -8.77 6.70 -8.62
N ILE B 172 -10.02 7.13 -8.57
CA ILE B 172 -11.14 6.21 -8.62
CA ILE B 172 -11.19 6.25 -8.59
C ILE B 172 -11.96 6.46 -9.87
N ASP B 173 -12.41 5.36 -10.47
CA ASP B 173 -13.28 5.37 -11.62
C ASP B 173 -14.53 4.59 -11.24
N LEU B 174 -15.70 5.26 -11.25
CA LEU B 174 -16.94 4.59 -10.86
C LEU B 174 -17.44 3.57 -11.87
N TYR B 175 -16.78 3.44 -13.01
CA TYR B 175 -17.27 2.58 -14.08
C TYR B 175 -17.49 1.15 -13.60
N GLN B 176 -16.53 0.59 -12.87
CA GLN B 176 -16.68 -0.81 -12.45
C GLN B 176 -17.83 -0.98 -11.47
N VAL B 177 -17.96 -0.07 -10.51
CA VAL B 177 -19.07 -0.15 -9.55
C VAL B 177 -20.40 -0.12 -10.28
N ILE B 178 -20.54 0.83 -11.21
CA ILE B 178 -21.80 0.94 -11.94
C ILE B 178 -22.11 -0.35 -12.69
N HIS B 179 -21.08 -0.97 -13.27
CA HIS B 179 -21.29 -2.25 -13.96
C HIS B 179 -21.66 -3.37 -12.99
N LYS B 180 -21.19 -3.30 -11.74
CA LYS B 180 -21.50 -4.35 -10.76
C LYS B 180 -22.90 -4.26 -10.20
N MET B 181 -23.58 -3.12 -10.37
CA MET B 181 -24.90 -2.94 -9.80
C MET B 181 -25.98 -3.68 -10.57
C01 OWH C . 26.11 6.35 -3.34
C03 OWH C . 24.86 7.70 -1.65
C04 OWH C . 24.20 7.64 -0.30
C05 OWH C . 23.67 6.44 0.15
C07 OWH C . 22.96 7.42 2.09
C08 OWH C . 23.46 8.65 1.71
C09 OWH C . 24.09 8.76 0.48
N02 OWH C . 25.47 6.47 -2.05
N06 OWH C . 23.07 6.35 1.33
S10 OWH C . 24.90 9.04 -2.54
S SO4 D . 21.11 16.86 -1.74
O1 SO4 D . 20.90 16.29 -0.42
O2 SO4 D . 22.23 17.81 -1.69
O3 SO4 D . 21.43 15.80 -2.70
O4 SO4 D . 19.91 17.57 -2.18
S SO4 E . 36.76 -5.37 3.58
O1 SO4 E . 37.20 -4.36 2.61
O2 SO4 E . 37.77 -5.50 4.63
O3 SO4 E . 36.62 -6.65 2.89
O4 SO4 E . 35.49 -4.95 4.16
S SO4 F . 11.37 -17.58 -18.51
S SO4 F . 11.64 -17.36 -18.49
O1 SO4 F . 12.29 -17.26 -17.43
O1 SO4 F . 12.13 -17.62 -17.15
O2 SO4 F . 11.74 -18.87 -19.08
O2 SO4 F . 12.29 -18.23 -19.47
O3 SO4 F . 11.34 -16.51 -19.54
O3 SO4 F . 12.07 -16.01 -18.80
O4 SO4 F . 10.03 -17.75 -17.95
O4 SO4 F . 10.17 -17.33 -18.50
S SO4 G . 16.15 9.21 5.04
O1 SO4 G . 16.29 8.44 6.28
O2 SO4 G . 17.35 10.03 4.85
O3 SO4 G . 15.99 8.31 3.91
O4 SO4 G . 14.98 10.08 5.14
S SO4 H . -6.56 13.47 0.93
O1 SO4 H . -7.24 12.83 2.06
O2 SO4 H . -5.44 14.28 1.40
O3 SO4 H . -6.07 12.47 -0.02
O4 SO4 H . -7.51 14.35 0.25
C1 PEG I . -22.94 -14.18 8.92
O1 PEG I . -21.92 -13.61 9.72
C2 PEG I . -23.92 -13.17 8.42
O2 PEG I . -24.78 -13.75 7.44
C3 PEG I . -24.87 -15.16 7.50
C4 PEG I . -26.07 -15.55 8.31
O4 PEG I . -25.70 -16.37 9.41
C01 OWH J . -9.85 -4.97 10.06
C03 OWH J . -10.63 -4.56 12.37
C04 OWH J . -11.84 -4.48 13.28
C05 OWH J . -13.08 -4.26 12.70
C07 OWH J . -14.11 -4.32 14.74
C08 OWH J . -12.91 -4.55 15.38
C09 OWH J . -11.74 -4.64 14.64
N02 OWH J . -10.90 -5.02 11.05
N06 OWH J . -14.17 -4.16 13.43
S10 OWH J . -9.15 -4.14 12.83
S SO4 K . -18.54 12.51 -15.19
O1 SO4 K . -17.82 11.58 -14.32
O2 SO4 K . -18.59 13.83 -14.57
O3 SO4 K . -17.89 12.59 -16.50
O4 SO4 K . -19.90 12.00 -15.36
S SO4 L . -9.48 19.27 -5.00
O1 SO4 L . -10.26 20.31 -4.32
O2 SO4 L . -8.20 19.08 -4.32
O3 SO4 L . -9.21 19.70 -6.39
O4 SO4 L . -10.24 18.02 -5.03
S SO4 M . -17.23 1.22 18.78
S SO4 M . -17.43 0.57 19.44
O1 SO4 M . -16.63 0.18 19.62
O1 SO4 M . -18.40 -0.52 19.31
O2 SO4 M . -17.17 2.50 19.44
O2 SO4 M . -16.11 0.01 19.72
O3 SO4 M . -16.49 1.36 17.54
O3 SO4 M . -17.38 1.34 18.19
O4 SO4 M . -18.62 0.86 18.50
O4 SO4 M . -17.81 1.47 20.52
#